data_5AQU
#
_entry.id   5AQU
#
_cell.length_a   114.024
_cell.length_b   40.700
_cell.length_c   127.421
_cell.angle_alpha   90.00
_cell.angle_beta   114.26
_cell.angle_gamma   90.00
#
_symmetry.space_group_name_H-M   'C 1 2 1'
#
loop_
_entity.id
_entity.type
_entity.pdbx_description
1 polymer 'HEAT SHOCK COGNATE 71 KDA PROTEIN'
2 polymer 'BAG FAMILY MOLECULAR CHAPERONE REGULATOR 1'
3 non-polymer GLYCEROL
4 non-polymer (1S,2R,3R,5R)-3-(HYDROXYMETHYL)-5-((5-METHOXYQUINAZOLIN-4-YL)AMINO)CYCLOPENTANE-1,2-DIOL
5 non-polymer 'DIMETHYL SULFOXIDE'
6 non-polymer 2-AMINO-2-HYDROXYMETHYL-PROPANE-1,3-DIOL
7 non-polymer 'MAGNESIUM ION'
8 water water
#
loop_
_entity_poly.entity_id
_entity_poly.type
_entity_poly.pdbx_seq_one_letter_code
_entity_poly.pdbx_strand_id
1 'polypeptide(L)'
;GPLGSMSKGPAVGIDLGTTYSCVGVFQHGKVEIIANDQGNRTTPSYVAFTDTERLIGDAAKNQVAMNPTNTVFDAKRLIG
RRFDDAVVQSDMKHWPFMVVNDAGRPKVQVEYKGETKSFYPEEVSSMVLTKMKEIAEAYLGKTVTNAVVTVPAYFNDSQR
QATKDAGTIAGLNVLRIINEPTAAAIAYGLDKKVGAERNVLIFDLGGGTFDVSILTIEDGIFEVKSTAGDTHLGGEDFDN
RMVNHFIAEFKRKHKKDISENKRAVRRLRTACERAKRTLSSSTQASIEIDSLYEGIDFYTSITRARFEELNADLFRGTLD
PVEKALRDAKLDKSQIHDIVLVGGSTRIPKIQKLLQDFFNGKELNKSINPDEAVAYGAAVQAAILS
;
A
2 'polypeptide(L)'
;GPLGSNSPQEEVELKKLKHLEKSVEKIADQLEELNKELTGIQQGFLPKDLQAEALCKLDRRVKATIEQFMKILEEIDTLI
LPENFKDSRLKRKGLVKKVQAFLAECDTVEQNICQETE
;
B
#
loop_
_chem_comp.id
_chem_comp.type
_chem_comp.name
_chem_comp.formula
DMS non-polymer 'DIMETHYL SULFOXIDE' 'C2 H6 O S'
GOL non-polymer GLYCEROL 'C3 H8 O3'
MG non-polymer 'MAGNESIUM ION' 'Mg 2'
TRS non-polymer 2-AMINO-2-HYDROXYMETHYL-PROPANE-1,3-DIOL 'C4 H12 N O3 1'
UX0 non-polymer (1S,2R,3R,5R)-3-(HYDROXYMETHYL)-5-((5-METHOXYQUINAZOLIN-4-YL)AMINO)CYCLOPENTANE-1,2-DIOL 'C15 H19 N3 O4'
#
# COMPACT_ATOMS: atom_id res chain seq x y z
N MET A 6 23.25 -20.19 -10.90
CA MET A 6 22.14 -19.79 -11.77
C MET A 6 22.64 -19.26 -13.11
N SER A 7 21.93 -19.59 -14.21
CA SER A 7 22.26 -19.10 -15.55
C SER A 7 21.78 -17.64 -15.70
N LYS A 8 22.20 -16.94 -16.77
CA LYS A 8 21.80 -15.56 -17.02
C LYS A 8 20.36 -15.49 -17.55
N GLY A 9 19.55 -14.66 -16.90
CA GLY A 9 18.14 -14.49 -17.27
C GLY A 9 17.87 -13.31 -18.17
N PRO A 10 16.56 -13.01 -18.40
CA PRO A 10 16.21 -11.88 -19.27
C PRO A 10 16.28 -10.50 -18.57
N ALA A 11 15.83 -9.46 -19.27
CA ALA A 11 15.75 -8.10 -18.75
C ALA A 11 14.34 -7.93 -18.19
N VAL A 12 14.22 -7.18 -17.10
CA VAL A 12 12.95 -6.96 -16.43
C VAL A 12 12.56 -5.48 -16.45
N GLY A 13 11.28 -5.23 -16.25
CA GLY A 13 10.72 -3.90 -16.13
C GLY A 13 10.28 -3.67 -14.71
N ILE A 14 10.81 -2.64 -14.08
CA ILE A 14 10.48 -2.35 -12.70
C ILE A 14 9.80 -1.00 -12.52
N ASP A 15 8.66 -1.01 -11.86
CA ASP A 15 7.95 0.22 -11.57
C ASP A 15 8.30 0.50 -10.13
N LEU A 16 9.07 1.55 -9.90
CA LEU A 16 9.47 1.91 -8.56
C LEU A 16 8.48 2.96 -8.09
N GLY A 17 7.53 2.54 -7.28
CA GLY A 17 6.49 3.43 -6.77
C GLY A 17 6.75 4.03 -5.41
N THR A 18 5.98 5.07 -5.05
CA THR A 18 6.16 5.74 -3.76
C THR A 18 5.82 4.81 -2.60
N THR A 19 4.71 4.05 -2.70
CA THR A 19 4.27 3.13 -1.62
C THR A 19 4.39 1.64 -2.03
N TYR A 20 4.35 1.34 -3.35
CA TYR A 20 4.44 -0.03 -3.87
C TYR A 20 5.24 -0.11 -5.16
N SER A 21 5.97 -1.19 -5.34
CA SER A 21 6.72 -1.43 -6.56
C SER A 21 6.25 -2.73 -7.21
N CYS A 22 6.52 -2.88 -8.51
CA CYS A 22 6.05 -3.97 -9.34
C CYS A 22 7.16 -4.35 -10.36
N VAL A 23 7.39 -5.65 -10.57
CA VAL A 23 8.38 -6.12 -11.54
C VAL A 23 7.70 -7.06 -12.54
N GLY A 24 8.01 -6.86 -13.80
CA GLY A 24 7.47 -7.66 -14.88
C GLY A 24 8.54 -8.22 -15.79
N VAL A 25 8.19 -9.30 -16.50
CA VAL A 25 9.09 -9.95 -17.45
C VAL A 25 8.29 -10.32 -18.70
N PHE A 26 8.84 -10.02 -19.88
CA PHE A 26 8.20 -10.45 -21.11
C PHE A 26 8.85 -11.80 -21.46
N GLN A 27 8.03 -12.84 -21.51
CA GLN A 27 8.50 -14.16 -21.88
C GLN A 27 7.39 -14.92 -22.60
N HIS A 28 7.77 -15.75 -23.56
CA HIS A 28 6.83 -16.56 -24.32
C HIS A 28 5.71 -15.76 -24.99
N GLY A 29 6.05 -14.59 -25.51
CA GLY A 29 5.07 -13.75 -26.20
C GLY A 29 4.12 -12.94 -25.35
N LYS A 30 4.33 -12.91 -24.04
CA LYS A 30 3.47 -12.14 -23.15
C LYS A 30 4.18 -11.62 -21.91
N VAL A 31 3.64 -10.54 -21.31
CA VAL A 31 4.18 -9.98 -20.09
C VAL A 31 3.65 -10.77 -18.88
N GLU A 32 4.54 -11.09 -17.96
CA GLU A 32 4.15 -11.79 -16.76
C GLU A 32 4.53 -10.90 -15.59
N ILE A 33 3.56 -10.54 -14.77
CA ILE A 33 3.85 -9.72 -13.61
C ILE A 33 4.27 -10.73 -12.57
N ILE A 34 5.44 -10.54 -11.99
CA ILE A 34 5.97 -11.49 -11.02
C ILE A 34 5.51 -11.28 -9.59
N ALA A 35 4.97 -12.35 -9.00
CA ALA A 35 4.50 -12.36 -7.62
C ALA A 35 5.72 -12.47 -6.69
N ASN A 36 5.69 -11.77 -5.54
CA ASN A 36 6.78 -11.84 -4.57
C ASN A 36 6.69 -13.12 -3.71
N ASP A 37 7.61 -13.27 -2.73
CA ASP A 37 7.67 -14.42 -1.81
C ASP A 37 6.36 -14.67 -1.04
N GLN A 38 5.47 -13.65 -0.92
CA GLN A 38 4.16 -13.73 -0.24
C GLN A 38 3.00 -13.94 -1.25
N GLY A 39 3.34 -14.08 -2.54
CA GLY A 39 2.36 -14.25 -3.61
C GLY A 39 1.74 -12.93 -4.08
N ASN A 40 2.30 -11.80 -3.65
CA ASN A 40 1.77 -10.49 -4.04
C ASN A 40 2.41 -9.95 -5.32
N ARG A 41 1.57 -9.48 -6.26
CA ARG A 41 2.00 -8.92 -7.56
C ARG A 41 2.61 -7.51 -7.47
N THR A 42 2.46 -6.86 -6.30
CA THR A 42 3.11 -5.60 -5.97
C THR A 42 3.75 -5.77 -4.60
N THR A 43 4.87 -5.09 -4.36
CA THR A 43 5.62 -5.16 -3.12
C THR A 43 5.73 -3.75 -2.49
N PRO A 44 5.41 -3.58 -1.19
CA PRO A 44 5.55 -2.25 -0.58
C PRO A 44 6.98 -1.70 -0.66
N SER A 45 7.11 -0.41 -0.97
CA SER A 45 8.39 0.29 -1.08
C SER A 45 8.79 0.73 0.33
N TYR A 46 8.85 -0.27 1.23
CA TYR A 46 9.12 -0.11 2.66
C TYR A 46 10.38 -0.82 3.04
N VAL A 47 11.17 -0.16 3.88
CA VAL A 47 12.42 -0.68 4.44
C VAL A 47 12.35 -0.48 5.96
N ALA A 48 12.49 -1.56 6.71
CA ALA A 48 12.44 -1.53 8.17
C ALA A 48 13.80 -1.83 8.76
N PHE A 49 14.17 -1.06 9.77
CA PHE A 49 15.43 -1.25 10.45
C PHE A 49 15.05 -1.66 11.86
N THR A 50 15.60 -2.78 12.30
CA THR A 50 15.30 -3.32 13.61
C THR A 50 16.58 -3.62 14.36
N ASP A 51 16.44 -3.95 15.63
CA ASP A 51 17.60 -4.24 16.46
C ASP A 51 18.36 -5.41 15.86
N THR A 52 17.65 -6.39 15.32
CA THR A 52 18.31 -7.56 14.73
C THR A 52 18.36 -7.67 13.20
N GLU A 53 17.54 -6.92 12.45
CA GLU A 53 17.56 -7.06 11.00
C GLU A 53 16.97 -5.92 10.14
N ARG A 54 17.16 -6.06 8.82
CA ARG A 54 16.66 -5.13 7.83
C ARG A 54 15.60 -5.92 7.06
N LEU A 55 14.41 -5.35 6.95
CA LEU A 55 13.31 -6.01 6.25
C LEU A 55 12.86 -5.16 5.08
N ILE A 56 12.51 -5.82 3.98
CA ILE A 56 12.06 -5.13 2.79
C ILE A 56 10.72 -5.65 2.31
N GLY A 57 9.94 -4.76 1.70
CA GLY A 57 8.63 -5.07 1.19
C GLY A 57 7.58 -5.47 2.21
N ASP A 58 6.83 -6.52 1.92
CA ASP A 58 5.75 -6.99 2.79
C ASP A 58 6.18 -7.18 4.24
N ALA A 59 7.40 -7.70 4.49
CA ALA A 59 7.90 -7.90 5.87
C ALA A 59 8.10 -6.57 6.60
N ALA A 60 8.46 -5.50 5.89
CA ALA A 60 8.65 -4.17 6.47
C ALA A 60 7.28 -3.53 6.77
N LYS A 61 6.33 -3.60 5.81
CA LYS A 61 5.01 -3.02 6.03
C LYS A 61 4.28 -3.72 7.16
N ASN A 62 4.39 -5.06 7.26
CA ASN A 62 3.72 -5.87 8.26
C ASN A 62 4.12 -5.56 9.71
N GLN A 63 5.24 -4.84 9.93
CA GLN A 63 5.68 -4.47 11.29
C GLN A 63 5.73 -2.93 11.53
N VAL A 64 5.11 -2.13 10.62
CA VAL A 64 5.05 -0.66 10.71
C VAL A 64 4.34 -0.18 12.00
N ALA A 65 3.24 -0.84 12.40
CA ALA A 65 2.49 -0.45 13.62
C ALA A 65 3.34 -0.70 14.89
N MET A 66 4.30 -1.65 14.83
CA MET A 66 5.20 -2.01 15.93
C MET A 66 6.41 -1.11 16.02
N ASN A 67 6.95 -0.74 14.87
CA ASN A 67 8.15 0.06 14.75
C ASN A 67 7.96 1.21 13.73
N PRO A 68 7.11 2.17 14.05
CA PRO A 68 6.84 3.28 13.13
C PRO A 68 7.99 4.22 12.75
N THR A 69 8.83 4.60 13.72
CA THR A 69 9.95 5.52 13.50
C THR A 69 11.10 4.99 12.64
N ASN A 70 11.31 3.69 12.66
CA ASN A 70 12.42 3.04 11.95
C ASN A 70 11.98 2.26 10.72
N THR A 71 10.75 2.49 10.26
CA THR A 71 10.21 1.88 9.05
C THR A 71 10.10 3.06 8.07
N VAL A 72 10.91 3.00 7.01
CA VAL A 72 11.00 4.03 5.97
C VAL A 72 10.14 3.62 4.80
N PHE A 73 9.45 4.59 4.21
CA PHE A 73 8.63 4.45 3.02
C PHE A 73 8.64 5.84 2.37
N ASP A 74 8.12 5.98 1.17
CA ASP A 74 8.09 7.28 0.50
C ASP A 74 9.46 7.88 0.13
N ALA A 75 10.50 7.05 0.05
CA ALA A 75 11.84 7.55 -0.32
C ALA A 75 11.79 8.20 -1.67
N LYS A 76 10.77 7.84 -2.48
CA LYS A 76 10.56 8.38 -3.84
C LYS A 76 10.19 9.88 -3.78
N ARG A 77 9.58 10.32 -2.67
CA ARG A 77 9.20 11.72 -2.47
C ARG A 77 10.45 12.55 -2.13
N LEU A 78 11.56 11.88 -1.76
CA LEU A 78 12.82 12.52 -1.34
C LEU A 78 13.93 12.41 -2.37
N ILE A 79 13.94 11.32 -3.15
CA ILE A 79 15.01 10.97 -4.09
C ILE A 79 15.36 12.14 -5.05
N GLY A 80 16.64 12.47 -5.10
CA GLY A 80 17.22 13.53 -5.91
C GLY A 80 16.84 14.95 -5.50
N ARG A 81 16.25 15.12 -4.29
CA ARG A 81 15.82 16.46 -3.87
C ARG A 81 16.79 17.10 -2.87
N ARG A 82 16.74 18.43 -2.78
CA ARG A 82 17.52 19.17 -1.81
C ARG A 82 16.72 19.13 -0.50
N PHE A 83 17.39 19.32 0.65
CA PHE A 83 16.76 19.30 1.97
C PHE A 83 15.67 20.36 2.11
N ASP A 84 15.97 21.55 1.59
CA ASP A 84 15.11 22.73 1.65
C ASP A 84 13.98 22.75 0.64
N ASP A 85 13.91 21.72 -0.20
CA ASP A 85 12.86 21.64 -1.20
C ASP A 85 11.55 21.68 -0.42
N ALA A 86 10.57 22.39 -0.94
CA ALA A 86 9.29 22.54 -0.25
C ALA A 86 8.60 21.20 -0.03
N VAL A 87 8.68 20.35 -1.03
CA VAL A 87 8.12 19.00 -0.98
C VAL A 87 8.69 18.24 0.21
N VAL A 88 10.03 18.27 0.41
CA VAL A 88 10.72 17.62 1.53
C VAL A 88 10.26 18.21 2.86
N GLN A 89 10.24 19.55 2.96
CA GLN A 89 9.83 20.30 4.16
C GLN A 89 8.37 20.06 4.56
N SER A 90 7.48 19.93 3.57
CA SER A 90 6.05 19.70 3.79
C SER A 90 5.79 18.25 4.14
N ASP A 91 6.47 17.33 3.45
CA ASP A 91 6.31 15.89 3.65
C ASP A 91 6.82 15.37 4.99
N MET A 92 7.89 15.96 5.55
CA MET A 92 8.50 15.41 6.77
C MET A 92 7.65 15.62 8.05
N LYS A 93 6.58 16.43 7.96
CA LYS A 93 5.63 16.66 9.05
C LYS A 93 4.67 15.45 9.21
N HIS A 94 4.49 14.65 8.11
CA HIS A 94 3.60 13.48 8.07
C HIS A 94 4.31 12.10 8.15
N TRP A 95 5.66 12.10 8.25
CA TRP A 95 6.40 10.86 8.34
C TRP A 95 6.79 10.57 9.78
N PRO A 96 6.67 9.30 10.24
CA PRO A 96 7.07 8.99 11.61
C PRO A 96 8.59 8.84 11.78
N PHE A 97 9.34 8.70 10.67
CA PHE A 97 10.79 8.56 10.67
C PHE A 97 11.42 9.95 10.51
N MET A 98 12.62 10.18 11.06
CA MET A 98 13.20 11.51 10.98
C MET A 98 14.07 11.71 9.73
N VAL A 99 13.99 12.91 9.16
CA VAL A 99 14.72 13.34 7.97
C VAL A 99 15.68 14.46 8.39
N VAL A 100 16.99 14.20 8.25
CA VAL A 100 18.06 15.12 8.64
C VAL A 100 18.71 15.81 7.44
N ASN A 101 19.40 16.91 7.71
CA ASN A 101 20.10 17.69 6.69
C ASN A 101 21.60 17.36 6.69
N ASP A 102 22.08 16.72 5.62
CA ASP A 102 23.48 16.39 5.44
C ASP A 102 24.03 17.28 4.31
N ALA A 103 24.48 18.50 4.68
CA ALA A 103 25.00 19.54 3.78
C ALA A 103 24.09 19.72 2.56
N GLY A 104 22.83 20.09 2.83
CA GLY A 104 21.83 20.35 1.81
C GLY A 104 21.08 19.15 1.27
N ARG A 105 21.54 17.93 1.57
CA ARG A 105 20.88 16.72 1.08
C ARG A 105 20.09 16.03 2.21
N PRO A 106 18.82 15.62 1.95
CA PRO A 106 18.07 14.91 3.00
C PRO A 106 18.60 13.51 3.22
N LYS A 107 18.51 13.05 4.46
CA LYS A 107 18.90 11.71 4.83
C LYS A 107 17.86 11.25 5.83
N VAL A 108 17.52 9.97 5.81
CA VAL A 108 16.55 9.46 6.77
C VAL A 108 17.37 8.90 7.90
N GLN A 109 17.06 9.31 9.13
CA GLN A 109 17.81 8.82 10.27
C GLN A 109 16.99 7.78 11.01
N VAL A 110 17.58 6.60 11.14
CA VAL A 110 16.95 5.46 11.82
C VAL A 110 17.86 4.86 12.91
N GLU A 111 17.30 3.93 13.71
CA GLU A 111 18.02 3.12 14.69
C GLU A 111 18.12 1.73 14.03
N TYR A 112 19.36 1.26 13.78
CA TYR A 112 19.64 -0.03 13.14
C TYR A 112 20.68 -0.78 13.96
N LYS A 113 20.31 -1.98 14.44
CA LYS A 113 21.17 -2.85 15.28
C LYS A 113 21.73 -2.06 16.49
N GLY A 114 20.84 -1.33 17.16
CA GLY A 114 21.13 -0.51 18.33
C GLY A 114 21.87 0.80 18.09
N GLU A 115 22.21 1.11 16.82
CA GLU A 115 22.95 2.34 16.50
C GLU A 115 22.18 3.32 15.62
N THR A 116 22.40 4.63 15.84
CA THR A 116 21.80 5.73 15.06
C THR A 116 22.51 5.77 13.70
N LYS A 117 21.76 5.53 12.61
CA LYS A 117 22.29 5.48 11.24
C LYS A 117 21.46 6.27 10.25
N SER A 118 22.13 6.98 9.34
CA SER A 118 21.46 7.78 8.30
C SER A 118 21.68 7.19 6.90
N PHE A 119 20.65 7.27 6.05
CA PHE A 119 20.70 6.74 4.69
C PHE A 119 20.16 7.75 3.68
N TYR A 120 20.82 7.86 2.53
CA TYR A 120 20.37 8.74 1.45
C TYR A 120 19.13 8.09 0.80
N PRO A 121 18.19 8.89 0.19
CA PRO A 121 17.03 8.28 -0.47
C PRO A 121 17.32 7.23 -1.54
N GLU A 122 18.43 7.39 -2.31
CA GLU A 122 18.84 6.43 -3.34
C GLU A 122 19.33 5.12 -2.73
N GLU A 123 19.84 5.16 -1.48
CA GLU A 123 20.25 3.96 -0.76
C GLU A 123 19.00 3.19 -0.31
N VAL A 124 17.94 3.90 0.15
CA VAL A 124 16.68 3.25 0.56
C VAL A 124 16.04 2.62 -0.69
N SER A 125 15.97 3.41 -1.78
CA SER A 125 15.42 2.94 -3.07
C SER A 125 16.21 1.76 -3.67
N SER A 126 17.54 1.69 -3.42
CA SER A 126 18.38 0.58 -3.90
C SER A 126 18.03 -0.72 -3.19
N MET A 127 17.68 -0.66 -1.89
CA MET A 127 17.25 -1.84 -1.09
C MET A 127 15.90 -2.33 -1.64
N VAL A 128 15.02 -1.39 -2.04
CA VAL A 128 13.73 -1.72 -2.66
C VAL A 128 13.99 -2.37 -4.03
N LEU A 129 14.93 -1.79 -4.83
CA LEU A 129 15.28 -2.35 -6.14
C LEU A 129 15.93 -3.73 -6.02
N THR A 130 16.78 -3.92 -4.99
CA THR A 130 17.40 -5.22 -4.69
C THR A 130 16.29 -6.24 -4.46
N LYS A 131 15.23 -5.84 -3.70
CA LYS A 131 14.08 -6.72 -3.42
C LYS A 131 13.37 -7.12 -4.71
N MET A 132 13.11 -6.15 -5.63
CA MET A 132 12.47 -6.43 -6.92
C MET A 132 13.31 -7.38 -7.79
N LYS A 133 14.65 -7.22 -7.75
CA LYS A 133 15.63 -8.04 -8.47
C LYS A 133 15.53 -9.48 -7.95
N GLU A 134 15.57 -9.64 -6.61
CA GLU A 134 15.46 -10.95 -5.94
C GLU A 134 14.14 -11.65 -6.20
N ILE A 135 13.03 -10.89 -6.34
CA ILE A 135 11.68 -11.41 -6.65
C ILE A 135 11.67 -12.03 -8.06
N ALA A 136 12.29 -11.32 -9.02
CA ALA A 136 12.42 -11.73 -10.42
C ALA A 136 13.26 -13.00 -10.49
N GLU A 137 14.42 -13.03 -9.78
CA GLU A 137 15.36 -14.18 -9.72
C GLU A 137 14.71 -15.40 -9.08
N ALA A 138 13.93 -15.23 -7.99
CA ALA A 138 13.27 -16.35 -7.29
C ALA A 138 12.24 -17.02 -8.23
N TYR A 139 11.52 -16.25 -9.06
CA TYR A 139 10.55 -16.81 -9.98
C TYR A 139 11.18 -17.46 -11.23
N LEU A 140 12.13 -16.74 -11.86
CA LEU A 140 12.79 -17.18 -13.09
C LEU A 140 13.82 -18.25 -12.86
N GLY A 141 14.33 -18.35 -11.63
CA GLY A 141 15.37 -19.31 -11.26
C GLY A 141 16.66 -19.04 -12.05
N LYS A 142 16.85 -17.78 -12.43
CA LYS A 142 17.99 -17.27 -13.21
C LYS A 142 18.38 -15.91 -12.66
N THR A 143 19.66 -15.52 -12.85
CA THR A 143 20.21 -14.24 -12.43
C THR A 143 19.60 -13.14 -13.27
N VAL A 144 19.21 -12.04 -12.61
CA VAL A 144 18.61 -10.86 -13.23
C VAL A 144 19.54 -9.68 -12.95
N THR A 145 20.11 -9.10 -14.02
CA THR A 145 21.03 -7.97 -13.93
C THR A 145 20.47 -6.74 -14.70
N ASN A 146 19.79 -6.96 -15.83
CA ASN A 146 19.29 -5.87 -16.66
C ASN A 146 17.88 -5.42 -16.34
N ALA A 147 17.66 -4.11 -16.25
CA ALA A 147 16.36 -3.53 -15.94
C ALA A 147 16.06 -2.19 -16.57
N VAL A 148 14.78 -1.98 -16.89
CA VAL A 148 14.19 -0.73 -17.32
C VAL A 148 13.45 -0.28 -16.04
N VAL A 149 13.82 0.89 -15.50
CA VAL A 149 13.23 1.44 -14.28
C VAL A 149 12.44 2.69 -14.67
N THR A 150 11.20 2.82 -14.17
CA THR A 150 10.36 3.98 -14.49
C THR A 150 10.50 5.10 -13.45
N VAL A 151 10.17 6.33 -13.84
CA VAL A 151 10.19 7.56 -13.01
C VAL A 151 9.03 8.47 -13.44
N PRO A 152 8.47 9.33 -12.55
CA PRO A 152 7.44 10.28 -13.01
C PRO A 152 8.00 11.23 -14.07
N ALA A 153 7.15 11.65 -15.03
CA ALA A 153 7.53 12.58 -16.10
C ALA A 153 8.01 13.94 -15.56
N TYR A 154 7.55 14.34 -14.38
CA TYR A 154 7.97 15.62 -13.81
C TYR A 154 9.34 15.59 -13.13
N PHE A 155 9.95 14.41 -13.02
CA PHE A 155 11.26 14.30 -12.39
C PHE A 155 12.36 15.10 -13.08
N ASN A 156 13.15 15.82 -12.29
CA ASN A 156 14.27 16.62 -12.78
C ASN A 156 15.55 15.82 -12.97
N ASP A 157 16.57 16.43 -13.60
CA ASP A 157 17.83 15.73 -13.85
C ASP A 157 18.38 15.04 -12.60
N SER A 158 18.32 15.72 -11.44
CA SER A 158 18.82 15.21 -10.15
C SER A 158 18.05 13.99 -9.68
N GLN A 159 16.72 14.01 -9.83
CA GLN A 159 15.81 12.96 -9.44
C GLN A 159 15.98 11.70 -10.29
N ARG A 160 16.18 11.89 -11.60
CA ARG A 160 16.39 10.82 -12.58
C ARG A 160 17.74 10.15 -12.32
N GLN A 161 18.79 10.96 -12.10
CA GLN A 161 20.13 10.46 -11.80
C GLN A 161 20.14 9.69 -10.48
N ALA A 162 19.45 10.22 -9.44
CA ALA A 162 19.37 9.56 -8.14
C ALA A 162 18.67 8.20 -8.23
N THR A 163 17.69 8.07 -9.17
CA THR A 163 17.01 6.79 -9.42
C THR A 163 17.97 5.80 -10.10
N LYS A 164 18.74 6.29 -11.11
CA LYS A 164 19.73 5.47 -11.82
C LYS A 164 20.79 4.94 -10.81
N ASP A 165 21.27 5.82 -9.88
CA ASP A 165 22.24 5.47 -8.83
C ASP A 165 21.67 4.37 -7.93
N ALA A 166 20.36 4.44 -7.60
CA ALA A 166 19.71 3.41 -6.78
C ALA A 166 19.78 2.06 -7.50
N GLY A 167 19.59 2.08 -8.82
CA GLY A 167 19.71 0.89 -9.66
C GLY A 167 21.12 0.32 -9.64
N THR A 168 22.12 1.21 -9.75
CA THR A 168 23.54 0.88 -9.73
C THR A 168 23.94 0.27 -8.38
N ILE A 169 23.54 0.89 -7.24
CA ILE A 169 23.84 0.42 -5.88
C ILE A 169 23.22 -0.98 -5.64
N ALA A 170 22.04 -1.24 -6.26
CA ALA A 170 21.30 -2.50 -6.19
C ALA A 170 21.92 -3.61 -7.06
N GLY A 171 23.01 -3.30 -7.75
CA GLY A 171 23.71 -4.23 -8.63
C GLY A 171 23.03 -4.43 -9.97
N LEU A 172 22.10 -3.53 -10.32
CA LEU A 172 21.39 -3.61 -11.60
C LEU A 172 22.09 -2.80 -12.67
N ASN A 173 21.97 -3.26 -13.90
CA ASN A 173 22.42 -2.58 -15.09
C ASN A 173 21.15 -1.87 -15.59
N VAL A 174 21.03 -0.55 -15.33
CA VAL A 174 19.85 0.23 -15.69
C VAL A 174 19.94 0.60 -17.17
N LEU A 175 19.40 -0.30 -18.04
CA LEU A 175 19.39 -0.15 -19.50
C LEU A 175 18.75 1.15 -19.91
N ARG A 176 17.60 1.47 -19.27
CA ARG A 176 16.85 2.65 -19.62
C ARG A 176 15.95 3.11 -18.48
N ILE A 177 15.90 4.42 -18.28
CA ILE A 177 15.01 5.04 -17.32
C ILE A 177 13.98 5.66 -18.24
N ILE A 178 12.72 5.27 -18.08
CA ILE A 178 11.63 5.81 -18.92
C ILE A 178 10.57 6.44 -18.03
N ASN A 179 9.83 7.42 -18.58
CA ASN A 179 8.74 8.08 -17.87
C ASN A 179 7.59 7.10 -17.65
N GLU A 180 6.93 7.16 -16.49
CA GLU A 180 5.77 6.34 -16.15
C GLU A 180 4.64 6.44 -17.18
N PRO A 181 4.17 7.66 -17.59
CA PRO A 181 3.13 7.72 -18.63
C PRO A 181 3.53 7.12 -19.98
N THR A 182 4.84 7.19 -20.34
CA THR A 182 5.38 6.57 -21.55
C THR A 182 5.26 5.04 -21.44
N ALA A 183 5.62 4.48 -20.25
CA ALA A 183 5.53 3.03 -20.00
C ALA A 183 4.06 2.57 -20.12
N ALA A 184 3.13 3.38 -19.58
CA ALA A 184 1.69 3.12 -19.60
C ALA A 184 1.18 3.12 -21.05
N ALA A 185 1.68 4.07 -21.86
CA ALA A 185 1.36 4.19 -23.28
C ALA A 185 1.92 3.00 -24.06
N ILE A 186 3.14 2.53 -23.73
CA ILE A 186 3.78 1.36 -24.37
C ILE A 186 2.97 0.08 -24.09
N ALA A 187 2.52 -0.12 -22.83
CA ALA A 187 1.72 -1.27 -22.40
C ALA A 187 0.49 -1.49 -23.29
N TYR A 188 -0.16 -0.39 -23.72
CA TYR A 188 -1.33 -0.42 -24.60
C TYR A 188 -0.97 -0.32 -26.11
N GLY A 189 0.34 -0.22 -26.41
CA GLY A 189 0.85 -0.12 -27.77
C GLY A 189 0.31 1.08 -28.53
N LEU A 190 0.26 2.25 -27.85
CA LEU A 190 -0.27 3.48 -28.42
C LEU A 190 0.68 4.11 -29.44
N ASP A 191 1.98 3.76 -29.39
CA ASP A 191 3.00 4.24 -30.33
C ASP A 191 2.90 3.51 -31.67
N LYS A 192 2.24 2.33 -31.69
CA LYS A 192 2.08 1.46 -32.86
C LYS A 192 0.76 1.67 -33.62
N LYS A 193 0.03 2.75 -33.32
CA LYS A 193 -1.24 3.04 -33.98
C LYS A 193 -1.05 3.83 -35.27
N VAL A 194 -1.73 3.39 -36.35
CA VAL A 194 -1.64 4.01 -37.67
C VAL A 194 -2.34 5.37 -37.73
N GLY A 195 -1.65 6.36 -38.28
CA GLY A 195 -2.16 7.71 -38.43
C GLY A 195 -1.15 8.79 -38.08
N ALA A 196 -1.64 10.03 -37.88
CA ALA A 196 -0.84 11.19 -37.52
C ALA A 196 -0.42 11.16 -36.03
N GLU A 197 0.10 12.28 -35.50
CA GLU A 197 0.52 12.37 -34.11
C GLU A 197 -0.66 12.14 -33.16
N ARG A 198 -0.45 11.37 -32.08
CA ARG A 198 -1.49 11.02 -31.12
C ARG A 198 -1.32 11.73 -29.81
N ASN A 199 -2.41 12.35 -29.32
CA ASN A 199 -2.41 12.99 -28.02
C ASN A 199 -3.00 12.01 -27.03
N VAL A 200 -2.20 11.66 -26.04
CA VAL A 200 -2.55 10.68 -25.02
C VAL A 200 -2.60 11.33 -23.64
N LEU A 201 -3.69 11.07 -22.90
CA LEU A 201 -3.83 11.52 -21.52
C LEU A 201 -3.66 10.28 -20.61
N ILE A 202 -2.69 10.34 -19.71
CA ILE A 202 -2.46 9.26 -18.75
C ILE A 202 -3.02 9.74 -17.43
N PHE A 203 -4.05 9.06 -16.92
CA PHE A 203 -4.70 9.41 -15.67
C PHE A 203 -4.20 8.37 -14.65
N ASP A 204 -3.24 8.78 -13.82
CA ASP A 204 -2.56 7.95 -12.83
C ASP A 204 -3.00 8.25 -11.38
N LEU A 205 -3.90 7.40 -10.83
CA LEU A 205 -4.37 7.54 -9.44
C LEU A 205 -4.07 6.26 -8.65
N GLY A 206 -2.87 6.21 -8.07
CA GLY A 206 -2.39 5.08 -7.29
C GLY A 206 -1.23 5.46 -6.38
N GLY A 207 -1.04 4.68 -5.31
CA GLY A 207 0.04 4.87 -4.34
C GLY A 207 0.15 6.22 -3.65
N GLY A 208 -0.99 6.82 -3.32
CA GLY A 208 -1.05 8.10 -2.60
C GLY A 208 -0.76 9.35 -3.43
N THR A 209 -0.53 9.20 -4.75
CA THR A 209 -0.29 10.34 -5.64
C THR A 209 -1.27 10.33 -6.80
N PHE A 210 -1.57 11.51 -7.33
CA PHE A 210 -2.40 11.68 -8.51
C PHE A 210 -1.56 12.40 -9.56
N ASP A 211 -1.33 11.72 -10.71
CA ASP A 211 -0.57 12.33 -11.80
C ASP A 211 -1.30 12.24 -13.10
N VAL A 212 -1.43 13.40 -13.76
CA VAL A 212 -1.99 13.52 -15.10
C VAL A 212 -0.83 13.97 -15.99
N SER A 213 -0.69 13.34 -17.14
CA SER A 213 0.34 13.68 -18.10
C SER A 213 -0.27 13.64 -19.47
N ILE A 214 0.07 14.61 -20.29
CA ILE A 214 -0.34 14.67 -21.69
C ILE A 214 0.89 14.37 -22.52
N LEU A 215 0.78 13.35 -23.38
CA LEU A 215 1.86 12.97 -24.27
C LEU A 215 1.42 13.12 -25.71
N THR A 216 2.36 13.45 -26.58
CA THR A 216 2.14 13.48 -28.01
C THR A 216 3.09 12.44 -28.57
N ILE A 217 2.54 11.42 -29.25
CA ILE A 217 3.37 10.37 -29.88
C ILE A 217 3.32 10.53 -31.40
N GLU A 218 4.49 10.83 -32.00
CA GLU A 218 4.62 10.93 -33.44
C GLU A 218 5.90 10.23 -33.84
N ASP A 219 5.79 9.29 -34.80
CA ASP A 219 6.90 8.48 -35.33
C ASP A 219 7.75 7.88 -34.20
N GLY A 220 7.06 7.44 -33.15
CA GLY A 220 7.64 6.83 -31.95
C GLY A 220 8.33 7.76 -30.98
N ILE A 221 8.26 9.07 -31.23
CA ILE A 221 8.85 10.07 -30.34
C ILE A 221 7.77 10.44 -29.34
N PHE A 222 8.00 10.08 -28.06
CA PHE A 222 7.11 10.46 -26.99
C PHE A 222 7.52 11.87 -26.57
N GLU A 223 6.55 12.76 -26.44
CA GLU A 223 6.77 14.13 -26.03
C GLU A 223 5.81 14.45 -24.90
N VAL A 224 6.34 14.88 -23.77
CA VAL A 224 5.50 15.21 -22.63
C VAL A 224 5.11 16.68 -22.71
N LYS A 225 3.90 16.94 -23.20
CA LYS A 225 3.40 18.29 -23.32
C LYS A 225 3.18 18.99 -21.97
N SER A 226 2.60 18.25 -21.03
CA SER A 226 2.32 18.81 -19.70
C SER A 226 2.11 17.76 -18.60
N THR A 227 2.25 18.20 -17.36
CA THR A 227 2.05 17.37 -16.19
C THR A 227 1.24 18.19 -15.18
N ALA A 228 0.33 17.53 -14.46
CA ALA A 228 -0.50 18.13 -13.42
C ALA A 228 -0.87 17.03 -12.44
N GLY A 229 -1.48 17.38 -11.32
CA GLY A 229 -1.89 16.39 -10.33
C GLY A 229 -1.91 16.92 -8.93
N ASP A 230 -2.02 15.97 -8.00
CA ASP A 230 -2.04 16.25 -6.58
C ASP A 230 -0.98 15.34 -5.96
N THR A 231 -0.03 15.90 -5.22
CA THR A 231 1.01 15.09 -4.62
C THR A 231 0.40 14.13 -3.61
N HIS A 232 -0.59 14.61 -2.86
CA HIS A 232 -1.25 13.75 -1.90
C HIS A 232 -2.74 13.59 -2.20
N LEU A 233 -3.07 12.44 -2.76
CA LEU A 233 -4.44 12.05 -3.10
C LEU A 233 -4.46 10.59 -3.52
N GLY A 234 -5.35 9.83 -2.92
CA GLY A 234 -5.46 8.42 -3.26
C GLY A 234 -6.47 7.70 -2.43
N GLY A 235 -6.38 6.38 -2.47
CA GLY A 235 -7.31 5.48 -1.77
C GLY A 235 -7.44 5.74 -0.30
N GLU A 236 -6.33 6.12 0.39
CA GLU A 236 -6.33 6.42 1.82
C GLU A 236 -7.34 7.52 2.16
N ASP A 237 -7.48 8.51 1.28
CA ASP A 237 -8.45 9.60 1.45
C ASP A 237 -9.89 9.12 1.31
N PHE A 238 -10.12 8.22 0.35
CA PHE A 238 -11.47 7.67 0.08
C PHE A 238 -11.89 6.79 1.25
N ASP A 239 -10.91 6.07 1.82
CA ASP A 239 -11.06 5.23 3.00
C ASP A 239 -11.44 6.08 4.20
N ASN A 240 -10.75 7.18 4.42
CA ASN A 240 -11.00 8.06 5.56
C ASN A 240 -12.41 8.60 5.56
N ARG A 241 -12.92 8.97 4.38
CA ARG A 241 -14.29 9.47 4.25
C ARG A 241 -15.31 8.42 4.67
N MET A 242 -15.08 7.12 4.32
CA MET A 242 -15.97 6.03 4.75
CA MET A 242 -15.95 6.02 4.76
C MET A 242 -15.82 5.87 6.27
N VAL A 243 -14.58 6.01 6.79
CA VAL A 243 -14.34 5.91 8.25
C VAL A 243 -15.16 7.01 8.99
N ASN A 244 -15.10 8.27 8.50
CA ASN A 244 -15.85 9.40 9.07
C ASN A 244 -17.35 9.13 9.07
N HIS A 245 -17.83 8.54 7.98
CA HIS A 245 -19.23 8.20 7.82
C HIS A 245 -19.66 7.20 8.87
N PHE A 246 -18.86 6.16 9.07
CA PHE A 246 -19.14 5.14 10.06
C PHE A 246 -19.03 5.61 11.51
N ILE A 247 -18.07 6.46 11.80
CA ILE A 247 -17.92 7.00 13.16
C ILE A 247 -19.18 7.81 13.51
N ALA A 248 -19.64 8.62 12.56
CA ALA A 248 -20.87 9.42 12.72
C ALA A 248 -22.07 8.51 12.90
N GLU A 249 -22.13 7.40 12.14
CA GLU A 249 -23.23 6.44 12.23
C GLU A 249 -23.25 5.77 13.60
N PHE A 250 -22.07 5.37 14.11
CA PHE A 250 -21.93 4.76 15.41
C PHE A 250 -22.34 5.77 16.52
N LYS A 251 -22.02 7.06 16.34
CA LYS A 251 -22.47 8.08 17.31
C LYS A 251 -24.01 8.19 17.27
N ARG A 252 -24.61 8.22 16.08
CA ARG A 252 -26.08 8.33 15.99
C ARG A 252 -26.77 7.12 16.58
N LYS A 253 -26.24 5.92 16.31
CA LYS A 253 -26.87 4.69 16.77
C LYS A 253 -26.63 4.39 18.23
N HIS A 254 -25.40 4.53 18.70
CA HIS A 254 -25.10 4.19 20.09
C HIS A 254 -24.70 5.32 21.01
N LYS A 255 -24.65 6.54 20.48
CA LYS A 255 -24.27 7.69 21.28
C LYS A 255 -22.89 7.52 21.89
N LYS A 256 -22.00 6.89 21.14
CA LYS A 256 -20.62 6.69 21.57
C LYS A 256 -19.64 7.09 20.50
N ASP A 257 -18.56 7.74 20.93
CA ASP A 257 -17.50 8.23 20.06
C ASP A 257 -16.34 7.18 20.07
N ILE A 258 -16.13 6.48 18.96
CA ILE A 258 -15.05 5.50 18.88
C ILE A 258 -13.75 6.06 18.32
N SER A 259 -13.75 7.35 17.98
CA SER A 259 -12.60 8.01 17.35
C SER A 259 -11.29 7.99 18.13
N GLU A 260 -11.35 8.06 19.45
CA GLU A 260 -10.13 8.03 20.25
C GLU A 260 -9.53 6.64 20.50
N ASN A 261 -10.26 5.58 20.16
CA ASN A 261 -9.74 4.22 20.35
C ASN A 261 -9.07 3.81 19.04
N LYS A 262 -7.73 3.83 19.00
CA LYS A 262 -6.96 3.52 17.78
C LYS A 262 -7.27 2.15 17.20
N ARG A 263 -7.44 1.17 18.06
CA ARG A 263 -7.74 -0.21 17.62
C ARG A 263 -9.10 -0.31 17.00
N ALA A 264 -10.10 0.36 17.61
CA ALA A 264 -11.45 0.38 17.04
C ALA A 264 -11.39 1.08 15.66
N VAL A 265 -10.72 2.21 15.57
CA VAL A 265 -10.63 2.95 14.30
C VAL A 265 -9.91 2.10 13.26
N ARG A 266 -8.84 1.41 13.65
CA ARG A 266 -8.11 0.53 12.73
C ARG A 266 -9.02 -0.59 12.19
N ARG A 267 -9.77 -1.27 13.07
CA ARG A 267 -10.65 -2.37 12.60
C ARG A 267 -11.65 -1.84 11.58
N LEU A 268 -12.19 -0.67 11.87
CA LEU A 268 -13.13 -0.01 11.01
C LEU A 268 -12.47 0.38 9.68
N ARG A 269 -11.25 0.98 9.73
CA ARG A 269 -10.49 1.42 8.57
CA ARG A 269 -10.54 1.41 8.54
C ARG A 269 -10.19 0.25 7.63
N THR A 270 -9.74 -0.86 8.20
CA THR A 270 -9.43 -2.08 7.43
C THR A 270 -10.69 -2.60 6.73
N ALA A 271 -11.82 -2.64 7.44
CA ALA A 271 -13.08 -3.12 6.89
C ALA A 271 -13.55 -2.15 5.75
N CYS A 272 -13.36 -0.82 5.93
CA CYS A 272 -13.77 0.19 4.93
C CYS A 272 -12.98 0.02 3.65
N GLU A 273 -11.64 -0.18 3.75
CA GLU A 273 -10.81 -0.34 2.55
C GLU A 273 -11.31 -1.56 1.75
N ARG A 274 -11.66 -2.66 2.43
CA ARG A 274 -12.17 -3.89 1.77
C ARG A 274 -13.57 -3.59 1.14
N ALA A 275 -14.47 -2.91 1.89
CA ALA A 275 -15.81 -2.49 1.39
C ALA A 275 -15.65 -1.63 0.14
N LYS A 276 -14.68 -0.68 0.14
CA LYS A 276 -14.42 0.18 -1.01
C LYS A 276 -14.09 -0.69 -2.22
N ARG A 277 -13.27 -1.73 -2.04
CA ARG A 277 -12.92 -2.61 -3.17
C ARG A 277 -14.16 -3.34 -3.69
N THR A 278 -15.01 -3.85 -2.76
CA THR A 278 -16.28 -4.51 -3.10
C THR A 278 -17.18 -3.55 -3.91
N LEU A 279 -17.17 -2.24 -3.57
CA LEU A 279 -17.99 -1.20 -4.24
C LEU A 279 -17.55 -0.88 -5.67
N SER A 280 -16.40 -1.41 -6.09
CA SER A 280 -15.92 -1.19 -7.45
C SER A 280 -16.60 -2.16 -8.42
N SER A 281 -17.12 -3.31 -7.92
CA SER A 281 -17.82 -4.28 -8.79
C SER A 281 -19.24 -4.63 -8.33
N SER A 282 -19.64 -4.18 -7.12
CA SER A 282 -20.99 -4.36 -6.55
C SER A 282 -21.51 -2.97 -6.14
N THR A 283 -22.82 -2.84 -5.95
CA THR A 283 -23.45 -1.57 -5.59
C THR A 283 -23.69 -1.40 -4.09
N GLN A 284 -23.36 -2.45 -3.33
CA GLN A 284 -23.51 -2.53 -1.88
C GLN A 284 -22.37 -3.40 -1.29
N ALA A 285 -21.97 -3.09 -0.05
CA ALA A 285 -20.97 -3.85 0.74
C ALA A 285 -21.48 -3.88 2.15
N SER A 286 -21.35 -5.03 2.81
CA SER A 286 -21.78 -5.21 4.19
C SER A 286 -20.55 -5.35 5.07
N ILE A 287 -20.63 -4.88 6.32
CA ILE A 287 -19.54 -5.00 7.29
C ILE A 287 -20.11 -5.54 8.62
N GLU A 288 -19.43 -6.53 9.20
CA GLU A 288 -19.81 -7.06 10.51
C GLU A 288 -18.54 -7.07 11.35
N ILE A 289 -18.55 -6.21 12.40
CA ILE A 289 -17.46 -6.12 13.33
C ILE A 289 -18.02 -6.39 14.73
N ASP A 290 -17.66 -7.56 15.33
CA ASP A 290 -18.09 -7.87 16.68
C ASP A 290 -17.30 -7.05 17.67
N SER A 291 -17.97 -6.62 18.75
CA SER A 291 -17.36 -5.92 19.86
C SER A 291 -16.37 -4.83 19.39
N LEU A 292 -16.84 -3.96 18.49
CA LEU A 292 -15.99 -2.91 17.94
C LEU A 292 -15.50 -1.95 19.02
N TYR A 293 -16.42 -1.55 19.91
CA TYR A 293 -16.09 -0.55 20.94
C TYR A 293 -17.06 -0.72 22.07
N GLU A 294 -16.56 -0.77 23.32
CA GLU A 294 -17.34 -0.98 24.53
C GLU A 294 -18.34 -2.15 24.39
N GLY A 295 -17.86 -3.27 23.86
CA GLY A 295 -18.64 -4.49 23.64
C GLY A 295 -19.77 -4.37 22.61
N ILE A 296 -19.85 -3.25 21.90
CA ILE A 296 -20.91 -3.08 20.90
C ILE A 296 -20.56 -3.69 19.53
N ASP A 297 -21.46 -4.57 18.99
CA ASP A 297 -21.29 -5.14 17.65
C ASP A 297 -21.70 -4.13 16.61
N PHE A 298 -20.88 -3.93 15.58
CA PHE A 298 -21.23 -2.98 14.54
C PHE A 298 -21.49 -3.69 13.21
N TYR A 299 -22.76 -3.87 12.88
CA TYR A 299 -23.23 -4.55 11.68
C TYR A 299 -23.90 -3.51 10.83
N THR A 300 -23.31 -3.24 9.67
CA THR A 300 -23.84 -2.19 8.82
C THR A 300 -23.58 -2.49 7.35
N SER A 301 -23.97 -1.57 6.45
CA SER A 301 -23.74 -1.67 5.02
C SER A 301 -23.62 -0.27 4.44
N ILE A 302 -23.05 -0.14 3.25
CA ILE A 302 -22.89 1.12 2.52
C ILE A 302 -23.17 0.84 1.03
N THR A 303 -23.88 1.76 0.34
CA THR A 303 -24.14 1.64 -1.09
C THR A 303 -23.00 2.32 -1.82
N ARG A 304 -22.84 2.03 -3.11
CA ARG A 304 -21.84 2.70 -3.95
C ARG A 304 -22.19 4.19 -4.04
N ALA A 305 -23.51 4.52 -4.12
CA ALA A 305 -23.99 5.89 -4.20
C ALA A 305 -23.54 6.72 -2.99
N ARG A 306 -23.68 6.17 -1.75
CA ARG A 306 -23.24 6.85 -0.53
C ARG A 306 -21.74 7.03 -0.53
N PHE A 307 -20.99 6.01 -0.93
CA PHE A 307 -19.51 6.09 -1.02
C PHE A 307 -19.09 7.22 -1.97
N GLU A 308 -19.74 7.31 -3.12
CA GLU A 308 -19.53 8.36 -4.13
C GLU A 308 -19.83 9.76 -3.56
N GLU A 309 -20.94 9.92 -2.78
CA GLU A 309 -21.32 11.23 -2.16
C GLU A 309 -20.31 11.64 -1.11
N LEU A 310 -19.80 10.69 -0.31
CA LEU A 310 -18.81 10.99 0.74
C LEU A 310 -17.49 11.46 0.13
N ASN A 311 -17.26 11.12 -1.14
CA ASN A 311 -16.04 11.44 -1.88
C ASN A 311 -16.25 12.32 -3.08
N ALA A 312 -17.45 12.91 -3.25
CA ALA A 312 -17.81 13.74 -4.41
C ALA A 312 -16.78 14.81 -4.77
N ASP A 313 -16.31 15.63 -3.81
CA ASP A 313 -15.30 16.71 -4.02
C ASP A 313 -13.96 16.12 -4.44
N LEU A 314 -13.56 14.98 -3.85
CA LEU A 314 -12.30 14.33 -4.15
C LEU A 314 -12.33 13.74 -5.56
N PHE A 315 -13.45 13.06 -5.94
CA PHE A 315 -13.66 12.45 -7.26
C PHE A 315 -13.76 13.52 -8.36
N ARG A 316 -14.54 14.58 -8.10
CA ARG A 316 -14.72 15.70 -9.01
C ARG A 316 -13.41 16.49 -9.13
N GLY A 317 -12.69 16.62 -8.00
CA GLY A 317 -11.41 17.31 -7.93
C GLY A 317 -10.35 16.79 -8.88
N THR A 318 -10.44 15.51 -9.29
CA THR A 318 -9.50 14.88 -10.23
C THR A 318 -9.56 15.52 -11.64
N LEU A 319 -10.71 16.13 -12.00
CA LEU A 319 -10.83 16.78 -13.32
C LEU A 319 -10.11 18.12 -13.42
N ASP A 320 -9.81 18.77 -12.29
CA ASP A 320 -9.11 20.04 -12.35
C ASP A 320 -7.72 19.84 -12.92
N PRO A 321 -7.01 18.81 -12.50
CA PRO A 321 -5.68 18.54 -13.04
C PRO A 321 -5.78 18.23 -14.53
N VAL A 322 -6.83 17.53 -14.94
CA VAL A 322 -7.03 17.19 -16.34
C VAL A 322 -7.21 18.47 -17.15
N GLU A 323 -8.01 19.39 -16.63
CA GLU A 323 -8.26 20.69 -17.26
C GLU A 323 -6.95 21.49 -17.31
N LYS A 324 -6.18 21.55 -16.19
CA LYS A 324 -4.88 22.25 -16.12
C LYS A 324 -3.87 21.71 -17.13
N ALA A 325 -3.76 20.35 -17.25
CA ALA A 325 -2.83 19.71 -18.18
C ALA A 325 -3.20 20.03 -19.64
N LEU A 326 -4.51 20.04 -19.96
CA LEU A 326 -5.02 20.36 -21.30
C LEU A 326 -4.68 21.80 -21.69
N ARG A 327 -4.80 22.75 -20.72
CA ARG A 327 -4.47 24.18 -20.92
C ARG A 327 -2.96 24.37 -21.12
N ASP A 328 -2.12 23.63 -20.36
CA ASP A 328 -0.66 23.74 -20.48
C ASP A 328 -0.13 23.12 -21.78
N ALA A 329 -0.81 22.07 -22.29
CA ALA A 329 -0.47 21.37 -23.53
C ALA A 329 -1.02 22.13 -24.76
N LYS A 330 -1.89 23.13 -24.52
CA LYS A 330 -2.57 23.96 -25.54
C LYS A 330 -3.47 23.08 -26.42
N LEU A 331 -4.22 22.16 -25.79
CA LEU A 331 -5.11 21.24 -26.49
C LEU A 331 -6.53 21.29 -25.98
N ASP A 332 -7.50 21.06 -26.89
CA ASP A 332 -8.91 20.95 -26.56
C ASP A 332 -9.11 19.49 -26.16
N LYS A 333 -10.13 19.18 -25.34
CA LYS A 333 -10.39 17.82 -24.86
C LYS A 333 -10.73 16.83 -26.01
N SER A 334 -11.26 17.35 -27.12
CA SER A 334 -11.62 16.59 -28.32
C SER A 334 -10.37 16.17 -29.12
N GLN A 335 -9.21 16.79 -28.82
CA GLN A 335 -7.93 16.50 -29.48
C GLN A 335 -7.18 15.33 -28.83
N ILE A 336 -7.75 14.75 -27.78
CA ILE A 336 -7.11 13.64 -27.09
C ILE A 336 -7.56 12.33 -27.72
N HIS A 337 -6.62 11.69 -28.41
CA HIS A 337 -6.88 10.41 -29.06
C HIS A 337 -7.08 9.23 -28.10
N ASP A 338 -6.27 9.17 -27.05
CA ASP A 338 -6.38 8.06 -26.09
C ASP A 338 -6.26 8.47 -24.62
N ILE A 339 -7.02 7.78 -23.77
CA ILE A 339 -6.99 8.01 -22.34
C ILE A 339 -6.60 6.69 -21.66
N VAL A 340 -5.59 6.74 -20.80
CA VAL A 340 -5.12 5.55 -20.12
C VAL A 340 -5.26 5.63 -18.60
N LEU A 341 -5.83 4.59 -18.01
CA LEU A 341 -6.01 4.52 -16.55
C LEU A 341 -4.86 3.76 -15.93
N VAL A 342 -4.17 4.40 -14.98
CA VAL A 342 -3.04 3.81 -14.26
C VAL A 342 -3.33 4.01 -12.76
N GLY A 343 -2.91 3.06 -11.93
CA GLY A 343 -3.11 3.15 -10.49
C GLY A 343 -4.40 2.48 -10.06
N GLY A 344 -4.35 1.77 -8.94
CA GLY A 344 -5.45 1.00 -8.38
C GLY A 344 -6.76 1.72 -8.13
N SER A 345 -6.70 3.01 -7.74
CA SER A 345 -7.92 3.79 -7.48
C SER A 345 -8.70 4.16 -8.74
N THR A 346 -8.13 3.95 -9.96
CA THR A 346 -8.85 4.21 -11.22
C THR A 346 -9.89 3.11 -11.48
N ARG A 347 -9.92 2.07 -10.62
CA ARG A 347 -10.90 0.98 -10.72
C ARG A 347 -12.26 1.45 -10.20
N ILE A 348 -12.31 2.60 -9.51
CA ILE A 348 -13.56 3.16 -8.96
C ILE A 348 -14.49 3.57 -10.12
N PRO A 349 -15.69 2.94 -10.27
CA PRO A 349 -16.62 3.33 -11.36
C PRO A 349 -16.90 4.83 -11.51
N LYS A 350 -17.07 5.56 -10.41
CA LYS A 350 -17.36 7.00 -10.46
C LYS A 350 -16.25 7.82 -11.09
N ILE A 351 -14.99 7.47 -10.81
CA ILE A 351 -13.83 8.15 -11.39
C ILE A 351 -13.82 7.89 -12.91
N GLN A 352 -14.03 6.62 -13.31
CA GLN A 352 -14.12 6.22 -14.72
C GLN A 352 -15.26 6.98 -15.41
N LYS A 353 -16.44 7.05 -14.76
CA LYS A 353 -17.61 7.75 -15.28
C LYS A 353 -17.34 9.24 -15.50
N LEU A 354 -16.75 9.92 -14.49
CA LEU A 354 -16.40 11.35 -14.56
C LEU A 354 -15.49 11.67 -15.75
N LEU A 355 -14.43 10.87 -15.94
CA LEU A 355 -13.43 11.02 -16.99
C LEU A 355 -13.98 10.68 -18.38
N GLN A 356 -14.85 9.66 -18.50
CA GLN A 356 -15.48 9.31 -19.78
C GLN A 356 -16.49 10.40 -20.18
N ASP A 357 -17.31 10.89 -19.21
CA ASP A 357 -18.29 11.96 -19.43
C ASP A 357 -17.60 13.24 -19.82
N PHE A 358 -16.47 13.56 -19.16
CA PHE A 358 -15.69 14.74 -19.48
C PHE A 358 -15.19 14.62 -20.93
N PHE A 359 -14.75 13.42 -21.32
CA PHE A 359 -14.25 13.16 -22.66
C PHE A 359 -15.34 12.75 -23.69
N ASN A 360 -16.62 13.06 -23.41
CA ASN A 360 -17.81 12.84 -24.24
C ASN A 360 -18.03 11.40 -24.70
N GLY A 361 -18.18 10.50 -23.74
CA GLY A 361 -18.45 9.08 -23.97
C GLY A 361 -17.30 8.26 -24.55
N LYS A 362 -16.08 8.83 -24.59
CA LYS A 362 -14.90 8.18 -25.12
C LYS A 362 -14.44 7.01 -24.25
N GLU A 363 -14.19 5.85 -24.89
CA GLU A 363 -13.74 4.63 -24.22
C GLU A 363 -12.33 4.79 -23.68
N LEU A 364 -12.13 4.30 -22.45
CA LEU A 364 -10.87 4.35 -21.71
C LEU A 364 -10.10 3.07 -21.88
N ASN A 365 -8.76 3.18 -21.93
CA ASN A 365 -7.86 2.02 -22.00
C ASN A 365 -7.64 1.60 -20.56
N LYS A 366 -8.34 0.53 -20.16
CA LYS A 366 -8.31 0.04 -18.78
C LYS A 366 -8.21 -1.50 -18.64
N SER A 367 -8.03 -2.25 -19.73
CA SER A 367 -7.97 -3.73 -19.72
C SER A 367 -6.75 -4.33 -19.01
N ILE A 368 -5.67 -3.55 -18.88
CA ILE A 368 -4.49 -4.03 -18.17
C ILE A 368 -4.68 -3.59 -16.71
N ASN A 369 -4.34 -4.43 -15.75
CA ASN A 369 -4.50 -4.07 -14.36
C ASN A 369 -3.81 -2.73 -14.18
N PRO A 370 -4.52 -1.78 -13.58
CA PRO A 370 -4.00 -0.43 -13.39
C PRO A 370 -2.70 -0.37 -12.57
N ASP A 371 -2.61 -1.21 -11.56
CA ASP A 371 -1.43 -1.28 -10.71
C ASP A 371 -0.21 -1.86 -11.42
N GLU A 372 -0.44 -2.59 -12.51
CA GLU A 372 0.61 -3.32 -13.21
C GLU A 372 1.01 -2.76 -14.57
N ALA A 373 0.20 -1.84 -15.14
CA ALA A 373 0.38 -1.21 -16.44
C ALA A 373 1.78 -0.60 -16.70
N VAL A 374 2.33 0.11 -15.71
CA VAL A 374 3.64 0.77 -15.81
C VAL A 374 4.75 -0.30 -15.87
N ALA A 375 4.75 -1.27 -14.94
CA ALA A 375 5.72 -2.37 -14.95
C ALA A 375 5.60 -3.20 -16.24
N TYR A 376 4.35 -3.37 -16.73
CA TYR A 376 4.01 -4.07 -17.96
C TYR A 376 4.68 -3.39 -19.17
N GLY A 377 4.59 -2.06 -19.25
CA GLY A 377 5.18 -1.30 -20.35
C GLY A 377 6.69 -1.28 -20.24
N ALA A 378 7.23 -1.24 -18.99
CA ALA A 378 8.67 -1.26 -18.73
C ALA A 378 9.25 -2.62 -19.13
N ALA A 379 8.47 -3.72 -18.95
CA ALA A 379 8.86 -5.10 -19.29
C ALA A 379 8.89 -5.31 -20.80
N VAL A 380 7.97 -4.68 -21.52
CA VAL A 380 7.92 -4.75 -22.97
C VAL A 380 9.16 -4.05 -23.51
N GLN A 381 9.46 -2.90 -22.94
CA GLN A 381 10.62 -2.09 -23.34
C GLN A 381 11.90 -2.86 -23.04
N ALA A 382 11.91 -3.54 -21.89
CA ALA A 382 13.07 -4.31 -21.46
C ALA A 382 13.37 -5.42 -22.45
N ALA A 383 12.32 -6.04 -22.97
CA ALA A 383 12.47 -7.14 -23.93
C ALA A 383 13.02 -6.65 -25.27
N ILE A 384 12.63 -5.43 -25.68
CA ILE A 384 13.07 -4.79 -26.92
C ILE A 384 14.57 -4.42 -26.82
N LEU A 385 15.07 -4.22 -25.58
CA LEU A 385 16.46 -3.84 -25.31
C LEU A 385 17.35 -5.01 -24.94
N SER A 386 16.74 -6.17 -24.64
CA SER A 386 17.44 -7.41 -24.29
C SER A 386 18.18 -7.98 -25.50
N GLY B 1 -33.63 -18.24 11.92
CA GLY B 1 -34.46 -19.11 11.12
C GLY B 1 -34.82 -20.43 11.78
N PRO B 2 -34.83 -21.56 11.03
CA PRO B 2 -35.19 -22.85 11.65
C PRO B 2 -34.15 -23.44 12.61
N LEU B 3 -34.61 -24.36 13.47
CA LEU B 3 -33.79 -25.07 14.44
C LEU B 3 -33.42 -26.41 13.81
N GLY B 4 -32.25 -26.94 14.17
CA GLY B 4 -31.71 -28.19 13.65
C GLY B 4 -31.57 -28.14 12.15
N SER B 5 -31.08 -27.00 11.64
CA SER B 5 -30.92 -26.74 10.22
C SER B 5 -29.43 -26.51 9.86
N ASN B 6 -28.51 -27.17 10.61
CA ASN B 6 -27.07 -27.06 10.40
C ASN B 6 -26.77 -27.34 8.93
N SER B 7 -26.10 -26.39 8.28
CA SER B 7 -25.79 -26.55 6.87
C SER B 7 -24.32 -26.88 6.58
N PRO B 8 -24.02 -27.54 5.42
CA PRO B 8 -22.60 -27.78 5.05
C PRO B 8 -21.83 -26.47 4.90
N GLN B 9 -22.51 -25.41 4.41
CA GLN B 9 -21.93 -24.05 4.22
C GLN B 9 -21.41 -23.47 5.52
N GLU B 10 -22.16 -23.67 6.60
CA GLU B 10 -21.71 -23.19 7.90
C GLU B 10 -20.43 -23.94 8.40
N GLU B 11 -20.27 -25.23 8.03
CA GLU B 11 -19.06 -26.04 8.36
C GLU B 11 -17.80 -25.35 7.85
N VAL B 12 -17.88 -24.74 6.67
CA VAL B 12 -16.78 -23.98 6.07
C VAL B 12 -16.45 -22.77 6.94
N GLU B 13 -17.47 -22.06 7.45
CA GLU B 13 -17.23 -20.87 8.30
C GLU B 13 -16.66 -21.30 9.65
N LEU B 14 -17.18 -22.41 10.20
CA LEU B 14 -16.70 -22.93 11.49
C LEU B 14 -15.24 -23.38 11.39
N LYS B 15 -14.84 -23.93 10.21
CA LYS B 15 -13.46 -24.37 9.98
C LYS B 15 -12.50 -23.17 10.01
N LYS B 16 -12.91 -22.05 9.37
CA LYS B 16 -12.15 -20.80 9.35
C LYS B 16 -11.98 -20.30 10.77
N LEU B 17 -13.08 -20.25 11.55
CA LEU B 17 -13.02 -19.84 12.96
C LEU B 17 -12.13 -20.78 13.81
N LYS B 18 -12.20 -22.10 13.60
CA LYS B 18 -11.36 -23.03 14.34
C LYS B 18 -9.87 -22.83 14.03
N HIS B 19 -9.52 -22.51 12.78
CA HIS B 19 -8.13 -22.20 12.46
C HIS B 19 -7.70 -20.93 13.21
N LEU B 20 -8.58 -19.93 13.26
CA LEU B 20 -8.31 -18.68 13.94
C LEU B 20 -8.16 -18.89 15.44
N GLU B 21 -9.01 -19.72 16.04
CA GLU B 21 -8.94 -20.09 17.46
C GLU B 21 -7.60 -20.69 17.76
N LYS B 22 -7.09 -21.54 16.84
CA LYS B 22 -5.81 -22.23 17.00
C LYS B 22 -4.68 -21.22 16.93
N SER B 23 -4.78 -20.22 16.02
CA SER B 23 -3.76 -19.19 15.87
C SER B 23 -3.72 -18.31 17.12
N VAL B 24 -4.90 -18.00 17.70
CA VAL B 24 -5.05 -17.22 18.93
C VAL B 24 -4.35 -17.96 20.10
N GLU B 25 -4.55 -19.28 20.17
CA GLU B 25 -3.90 -20.12 21.22
C GLU B 25 -2.36 -20.04 21.13
N LYS B 26 -1.80 -20.06 19.89
CA LYS B 26 -0.36 -19.95 19.72
C LYS B 26 0.13 -18.55 20.11
N ILE B 27 -0.61 -17.52 19.75
CA ILE B 27 -0.25 -16.16 20.12
C ILE B 27 -0.30 -16.02 21.64
N ALA B 28 -1.32 -16.64 22.24
CA ALA B 28 -1.50 -16.61 23.68
C ALA B 28 -0.32 -17.27 24.39
N ASP B 29 0.19 -18.35 23.81
CA ASP B 29 1.33 -19.05 24.39
C ASP B 29 2.53 -18.11 24.41
N GLN B 30 2.68 -17.34 23.33
CA GLN B 30 3.78 -16.36 23.21
C GLN B 30 3.63 -15.32 24.29
N LEU B 31 2.39 -14.86 24.55
CA LEU B 31 2.09 -13.91 25.62
C LEU B 31 2.51 -14.53 26.96
N GLU B 32 2.15 -15.76 27.23
CA GLU B 32 2.52 -16.36 28.50
C GLU B 32 4.05 -16.43 28.65
N GLU B 33 4.76 -16.75 27.56
CA GLU B 33 6.21 -16.81 27.62
C GLU B 33 6.79 -15.43 27.92
N LEU B 34 6.21 -14.38 27.34
CA LEU B 34 6.68 -13.02 27.57
C LEU B 34 6.49 -12.71 29.05
N ASN B 35 5.37 -13.13 29.58
CA ASN B 35 5.05 -12.98 31.01
C ASN B 35 6.13 -13.65 31.87
N LYS B 36 6.55 -14.88 31.52
CA LYS B 36 7.61 -15.57 32.29
C LYS B 36 8.94 -14.83 32.16
N GLU B 37 9.25 -14.32 30.95
CA GLU B 37 10.49 -13.58 30.70
C GLU B 37 10.51 -12.27 31.46
N LEU B 38 9.34 -11.58 31.58
CA LEU B 38 9.21 -10.36 32.37
C LEU B 38 9.58 -10.62 33.83
N THR B 39 8.94 -11.64 34.44
CA THR B 39 9.24 -12.04 35.83
C THR B 39 10.72 -12.40 35.96
N GLY B 40 11.27 -13.00 34.89
CA GLY B 40 12.67 -13.40 34.81
C GLY B 40 13.64 -12.24 34.93
N ILE B 41 13.34 -11.12 34.22
CA ILE B 41 14.12 -9.88 34.22
C ILE B 41 13.98 -9.23 35.58
N GLN B 42 12.74 -9.14 36.10
CA GLN B 42 12.48 -8.56 37.42
C GLN B 42 13.18 -9.33 38.55
N GLN B 43 13.24 -10.67 38.46
CA GLN B 43 13.85 -11.48 39.51
C GLN B 43 15.29 -11.93 39.21
N GLY B 44 15.95 -11.28 38.27
CA GLY B 44 17.32 -11.64 37.90
C GLY B 44 18.36 -10.67 38.42
N PHE B 45 19.59 -10.79 37.91
CA PHE B 45 20.67 -9.91 38.36
C PHE B 45 21.08 -8.85 37.33
N LEU B 46 20.18 -8.50 36.39
CA LEU B 46 20.53 -7.48 35.40
C LEU B 46 20.67 -6.11 36.07
N PRO B 47 21.80 -5.38 35.86
CA PRO B 47 21.90 -4.02 36.43
C PRO B 47 20.97 -3.10 35.64
N LYS B 48 20.61 -1.93 36.21
CA LYS B 48 19.69 -0.93 35.67
C LYS B 48 19.75 -0.75 34.14
N ASP B 49 20.94 -0.46 33.57
CA ASP B 49 21.14 -0.25 32.13
C ASP B 49 20.78 -1.48 31.25
N LEU B 50 21.21 -2.69 31.65
CA LEU B 50 20.92 -3.92 30.92
C LEU B 50 19.50 -4.36 31.14
N GLN B 51 18.92 -3.98 32.30
CA GLN B 51 17.52 -4.29 32.61
C GLN B 51 16.65 -3.48 31.66
N ALA B 52 16.99 -2.18 31.49
CA ALA B 52 16.27 -1.29 30.57
C ALA B 52 16.27 -1.89 29.16
N GLU B 53 17.43 -2.40 28.67
CA GLU B 53 17.55 -3.01 27.32
C GLU B 53 16.68 -4.28 27.20
N ALA B 54 16.76 -5.17 28.21
CA ALA B 54 16.00 -6.42 28.25
C ALA B 54 14.49 -6.14 28.27
N LEU B 55 14.04 -5.12 29.02
CA LEU B 55 12.62 -4.71 29.04
C LEU B 55 12.20 -4.12 27.70
N CYS B 56 13.12 -3.41 27.00
CA CYS B 56 12.79 -2.85 25.69
C CYS B 56 12.74 -3.91 24.58
N LYS B 57 13.57 -4.98 24.67
CA LYS B 57 13.49 -6.09 23.71
C LYS B 57 12.17 -6.82 23.98
N LEU B 58 11.80 -6.93 25.27
CA LEU B 58 10.55 -7.53 25.68
C LEU B 58 9.36 -6.66 25.18
N ASP B 59 9.48 -5.33 25.24
CA ASP B 59 8.47 -4.38 24.76
C ASP B 59 8.17 -4.60 23.26
N ARG B 60 9.23 -4.76 22.42
CA ARG B 60 9.09 -4.99 20.99
C ARG B 60 8.38 -6.31 20.74
N ARG B 61 8.65 -7.31 21.56
CA ARG B 61 7.98 -8.61 21.44
C ARG B 61 6.54 -8.53 21.88
N VAL B 62 6.23 -7.71 22.89
CA VAL B 62 4.83 -7.52 23.32
C VAL B 62 4.06 -6.74 22.20
N LYS B 63 4.70 -5.77 21.56
CA LYS B 63 4.07 -5.02 20.42
C LYS B 63 3.82 -5.96 19.23
N ALA B 64 4.71 -6.94 19.02
CA ALA B 64 4.54 -7.96 17.98
C ALA B 64 3.30 -8.85 18.30
N THR B 65 3.15 -9.21 19.58
CA THR B 65 2.04 -10.03 20.02
C THR B 65 0.73 -9.28 19.83
N ILE B 66 0.74 -8.00 20.16
CA ILE B 66 -0.44 -7.16 20.02
C ILE B 66 -0.82 -7.10 18.54
N GLU B 67 0.18 -6.94 17.68
CA GLU B 67 -0.06 -6.87 16.25
C GLU B 67 -0.65 -8.17 15.73
N GLN B 68 -0.16 -9.30 16.20
CA GLN B 68 -0.73 -10.59 15.75
C GLN B 68 -2.19 -10.73 16.15
N PHE B 69 -2.55 -10.29 17.39
CA PHE B 69 -3.91 -10.34 17.87
C PHE B 69 -4.78 -9.38 17.03
N MET B 70 -4.23 -8.19 16.68
CA MET B 70 -4.95 -7.22 15.84
C MET B 70 -5.20 -7.79 14.43
N LYS B 71 -4.19 -8.52 13.86
CA LYS B 71 -4.33 -9.16 12.54
C LYS B 71 -5.39 -10.28 12.55
N ILE B 72 -5.55 -10.98 13.69
CA ILE B 72 -6.60 -11.99 13.90
C ILE B 72 -7.99 -11.29 13.87
N LEU B 73 -8.13 -10.19 14.58
CA LEU B 73 -9.38 -9.41 14.59
C LEU B 73 -9.73 -8.95 13.21
N GLU B 74 -8.74 -8.49 12.44
CA GLU B 74 -9.03 -8.02 11.07
C GLU B 74 -9.41 -9.17 10.16
N GLU B 75 -8.87 -10.36 10.42
CA GLU B 75 -9.25 -11.55 9.66
C GLU B 75 -10.67 -11.98 10.02
N ILE B 76 -11.03 -11.99 11.31
CA ILE B 76 -12.38 -12.35 11.79
C ILE B 76 -13.42 -11.34 11.22
N ASP B 77 -13.00 -10.07 11.10
CA ASP B 77 -13.84 -8.97 10.57
C ASP B 77 -14.18 -9.11 9.08
N THR B 78 -13.49 -10.01 8.35
CA THR B 78 -13.80 -10.23 6.93
C THR B 78 -15.03 -11.17 6.81
N LEU B 79 -15.40 -11.83 7.91
CA LEU B 79 -16.51 -12.76 7.89
C LEU B 79 -17.89 -12.13 7.85
N ILE B 80 -18.75 -12.67 7.00
CA ILE B 80 -20.12 -12.23 6.92
C ILE B 80 -20.85 -13.52 7.23
N LEU B 81 -21.59 -13.53 8.33
CA LEU B 81 -22.29 -14.73 8.70
C LEU B 81 -23.79 -14.48 8.71
N PRO B 82 -24.51 -15.28 7.94
CA PRO B 82 -25.96 -15.14 7.88
C PRO B 82 -26.54 -15.36 9.26
N GLU B 83 -27.63 -14.68 9.56
CA GLU B 83 -28.25 -14.74 10.87
C GLU B 83 -28.58 -16.17 11.28
N ASN B 84 -28.80 -17.04 10.29
CA ASN B 84 -29.13 -18.43 10.55
C ASN B 84 -27.91 -19.25 10.96
N PHE B 85 -26.70 -18.70 10.78
CA PHE B 85 -25.44 -19.32 11.19
C PHE B 85 -25.21 -18.96 12.68
N LYS B 86 -26.10 -19.46 13.53
CA LYS B 86 -26.07 -19.21 14.96
C LYS B 86 -24.78 -19.69 15.64
N ASP B 87 -24.33 -20.91 15.30
CA ASP B 87 -23.13 -21.49 15.90
C ASP B 87 -21.86 -20.72 15.57
N SER B 88 -21.72 -20.30 14.32
CA SER B 88 -20.60 -19.50 13.78
C SER B 88 -20.65 -18.13 14.42
N ARG B 89 -21.85 -17.53 14.54
CA ARG B 89 -21.97 -16.20 15.14
C ARG B 89 -21.54 -16.22 16.61
N LEU B 90 -21.99 -17.24 17.37
CA LEU B 90 -21.60 -17.44 18.78
C LEU B 90 -20.09 -17.64 18.90
N LYS B 91 -19.51 -18.46 18.03
CA LYS B 91 -18.07 -18.75 18.04
C LYS B 91 -17.25 -17.51 17.66
N ARG B 92 -17.71 -16.73 16.66
CA ARG B 92 -17.04 -15.51 16.27
C ARG B 92 -17.00 -14.52 17.48
N LYS B 93 -18.16 -14.34 18.15
CA LYS B 93 -18.30 -13.41 19.28
C LYS B 93 -17.39 -13.81 20.46
N GLY B 94 -17.40 -15.10 20.80
CA GLY B 94 -16.55 -15.63 21.86
C GLY B 94 -15.07 -15.48 21.54
N LEU B 95 -14.66 -15.77 20.27
CA LEU B 95 -13.23 -15.61 19.90
C LEU B 95 -12.80 -14.13 19.95
N VAL B 96 -13.63 -13.21 19.44
CA VAL B 96 -13.32 -11.77 19.52
C VAL B 96 -13.14 -11.34 20.97
N LYS B 97 -14.07 -11.75 21.88
CA LYS B 97 -13.98 -11.38 23.29
C LYS B 97 -12.70 -11.98 23.96
N LYS B 98 -12.34 -13.20 23.56
CA LYS B 98 -11.15 -13.85 24.11
C LYS B 98 -9.89 -13.08 23.67
N VAL B 99 -9.83 -12.65 22.38
CA VAL B 99 -8.73 -11.88 21.85
C VAL B 99 -8.64 -10.50 22.56
N GLN B 100 -9.78 -9.88 22.80
CA GLN B 100 -9.85 -8.59 23.51
C GLN B 100 -9.38 -8.76 24.96
N ALA B 101 -9.70 -9.89 25.63
CA ALA B 101 -9.21 -10.14 27.01
C ALA B 101 -7.65 -10.31 26.98
N PHE B 102 -7.10 -10.96 25.93
CA PHE B 102 -5.65 -11.10 25.73
C PHE B 102 -4.97 -9.78 25.42
N LEU B 103 -5.62 -8.92 24.63
CA LEU B 103 -5.12 -7.58 24.31
C LEU B 103 -4.98 -6.74 25.56
N ALA B 104 -6.01 -6.79 26.45
CA ALA B 104 -6.01 -6.04 27.71
C ALA B 104 -4.84 -6.55 28.58
N GLU B 105 -4.55 -7.87 28.56
CA GLU B 105 -3.36 -8.41 29.25
C GLU B 105 -2.04 -7.88 28.61
N CYS B 106 -1.93 -7.84 27.26
CA CYS B 106 -0.75 -7.31 26.57
C CYS B 106 -0.52 -5.87 27.02
N ASP B 107 -1.61 -5.05 27.09
CA ASP B 107 -1.58 -3.64 27.50
C ASP B 107 -1.06 -3.44 28.90
N THR B 108 -1.35 -4.38 29.85
CA THR B 108 -0.81 -4.26 31.21
C THR B 108 0.69 -4.44 31.17
N VAL B 109 1.18 -5.32 30.29
CA VAL B 109 2.61 -5.52 30.13
C VAL B 109 3.23 -4.30 29.43
N GLU B 110 2.76 -4.01 28.22
CA GLU B 110 3.30 -2.99 27.30
C GLU B 110 3.38 -1.59 27.90
N GLN B 111 2.33 -1.16 28.61
CA GLN B 111 2.26 0.17 29.21
C GLN B 111 3.10 0.31 30.46
N ASN B 112 3.45 -0.83 31.08
CA ASN B 112 4.25 -0.88 32.30
C ASN B 112 5.77 -1.07 32.12
N ILE B 113 6.24 -1.20 30.89
CA ILE B 113 7.66 -1.38 30.59
C ILE B 113 8.07 -0.47 29.43
N CYS B 114 9.37 -0.09 29.37
CA CYS B 114 10.03 0.67 28.30
C CYS B 114 9.19 1.86 27.75
N GLN B 115 8.67 2.71 28.66
CA GLN B 115 7.82 3.86 28.32
C GLN B 115 8.61 5.02 27.72
C1 GOL C . -9.98 -3.68 19.53
O1 GOL C . -10.28 -4.69 20.48
C2 GOL C . -11.09 -2.67 19.43
O2 GOL C . -12.24 -3.24 18.79
C3 GOL C . -11.47 -2.21 20.82
O3 GOL C . -10.41 -1.43 21.33
C1 GOL D . -23.15 3.17 -10.96
O1 GOL D . -23.31 1.80 -11.32
C2 GOL D . -21.76 3.67 -11.27
O2 GOL D . -21.47 3.45 -12.65
C3 GOL D . -21.69 5.15 -10.98
O3 GOL D . -20.37 5.64 -11.19
C1 GOL E . 11.15 6.80 -24.00
O1 GOL E . 10.33 7.87 -24.48
C2 GOL E . 11.58 5.89 -25.12
O2 GOL E . 12.57 4.98 -24.63
C3 GOL E . 10.40 5.11 -25.67
O3 GOL E . 10.82 4.18 -26.64
C1 GOL F . 5.64 14.39 -4.51
O1 GOL F . 5.79 14.22 -3.09
C2 GOL F . 6.48 13.45 -5.32
O2 GOL F . 7.85 13.51 -4.89
C3 GOL F . 5.98 12.02 -5.27
O3 GOL F . 6.81 11.16 -6.05
C1 GOL G . 5.85 16.27 -40.62
O1 GOL G . 4.51 16.53 -41.03
C2 GOL G . 5.94 14.98 -39.84
O2 GOL G . 7.22 14.91 -39.19
C3 GOL G . 5.78 13.78 -40.74
O3 GOL G . 5.89 12.56 -40.02
C1 GOL H . -8.59 -1.30 23.97
O1 GOL H . -7.81 -0.51 23.07
C2 GOL H . -8.08 -2.73 24.06
O2 GOL H . -8.24 -3.39 22.80
C3 GOL H . -8.78 -3.51 25.15
O3 GOL H . -8.91 -4.90 24.79
O2 UX0 I . -7.33 0.41 -1.65
C1 UX0 I . -6.32 0.50 -2.65
C2 UX0 I . -5.33 1.65 -2.36
O1 UX0 I . -5.93 2.65 -1.56
C3 UX0 I . -4.84 2.20 -3.70
C5 UX0 I . -3.34 2.10 -3.82
O UX0 I . -2.68 2.80 -2.77
C4 UX0 I . -5.60 1.36 -4.73
C UX0 I . -6.86 0.83 -4.03
N UX0 I . -7.42 -0.34 -4.66
C6 UX0 I . -8.69 -0.37 -5.13
C9 UX0 I . -9.24 -1.55 -5.72
C10 UX0 I . -8.57 -2.79 -5.88
O3 UX0 I . -7.29 -2.81 -5.42
C14 UX0 I . -6.58 -4.05 -5.40
C11 UX0 I . -9.21 -3.88 -6.44
C12 UX0 I . -10.52 -3.77 -6.88
C13 UX0 I . -11.21 -2.60 -6.76
C8 UX0 I . -10.58 -1.48 -6.18
N2 UX0 I . -11.31 -0.32 -6.06
C7 UX0 I . -10.68 0.69 -5.50
N1 UX0 I . -9.44 0.74 -5.04
S DMS J . 3.98 -15.37 -11.39
O DMS J . 5.09 -14.80 -10.60
C1 DMS J . 4.22 -14.87 -13.10
C2 DMS J . 2.56 -14.39 -10.99
C TRS K . 2.55 4.76 -10.02
C1 TRS K . 1.26 4.64 -9.19
C2 TRS K . 3.70 4.08 -9.27
C3 TRS K . 2.40 4.16 -11.43
N TRS K . 2.89 6.20 -10.17
O1 TRS K . 0.12 4.35 -9.98
O2 TRS K . 4.98 4.52 -9.74
O3 TRS K . 2.15 2.77 -11.42
C1 GOL L . -28.95 -24.78 13.72
O1 GOL L . -30.26 -24.62 13.19
C2 GOL L . -28.20 -23.47 13.71
O2 GOL L . -28.50 -22.77 12.50
C3 GOL L . -26.72 -23.74 13.76
O3 GOL L . -25.96 -22.56 13.50
C1 GOL M . -16.37 -20.13 21.94
O1 GOL M . -17.64 -19.48 22.02
C2 GOL M . -15.28 -19.15 21.59
O2 GOL M . -15.24 -18.94 20.18
C3 GOL M . -13.92 -19.61 22.09
O3 GOL M . -12.95 -18.58 21.93
C1 GOL N . 4.49 -6.13 35.53
O1 GOL N . 4.83 -4.99 36.31
C2 GOL N . 3.02 -6.12 35.15
O2 GOL N . 2.72 -4.94 34.40
C3 GOL N . 2.72 -7.34 34.31
O3 GOL N . 1.33 -7.37 33.95
MG MG O . 5.97 -0.07 26.40
#